data_6H3F
#
_entry.id   6H3F
#
_cell.length_a   187.180
_cell.length_b   49.140
_cell.length_c   58.710
_cell.angle_alpha   90.00
_cell.angle_beta   90.00
_cell.angle_gamma   90.00
#
_symmetry.space_group_name_H-M   'P 21 21 2'
#
loop_
_entity.id
_entity.type
_entity.pdbx_description
1 polymer 'Staphylopine dehydrogenase'
2 non-polymer 'NADP NICOTINAMIDE-ADENINE-DINUCLEOTIDE PHOSPHATE'
3 non-polymer '(2~{S})-4-[[(2~{R})-3-(1~{H}-imidazol-4-yl)-1-oxidanyl-1-oxidanylidene-propan-2-yl]amino]-2-[[(2~{S})-1-oxidanyl-1-oxidanylidene-propan-2-yl]amino]butanoic acid'
4 non-polymer GLYCEROL
5 non-polymer 'TETRAETHYLENE GLYCOL'
6 water water
#
_entity_poly.entity_id   1
_entity_poly.type   'polypeptide(L)'
_entity_poly.pdbx_seq_one_letter_code
;MSKLLMIGTGPVAIQLANICYLKSDYEIDMVGRASTSEKSKRLYQAYKKEKQFEVKIQNEAHQHLEGKFEINRLYKDVKN
VKGEYETVVMACTADAYYDTLQQLSLETLQSVKHVILISPTFGSQMIVEQFMSKFSQDIEVISFSTYLGDTRIVDKEAPN
HVLTTGVKKKLYMGSTHSNSTMCQRISALAEQLKIQLEVVESPLHAETRNSSLYVHPPLFMNDFSLKAIFEGTDVPVYVY
KLFPEGPITMTLIREMRLMWKEMMAILQAFRVPSVNLLQFMVKENYPVRPETLDEGDIEHFEILPDILQEYLLYVRYTAI
LIDPFSQPDENGHYFDFSAVPFKQVYKNEQDVVQIPRMPSEDYYRTAMIQHIGKMLGIKTPMIDQFLTRYEASCQAYKDM
HQDQQLSSQFNTNLFEGDKALVTKFLEINRTLSLEHHHHHH
;
_entity_poly.pdbx_strand_id   A
#
loop_
_chem_comp.id
_chem_comp.type
_chem_comp.name
_chem_comp.formula
8UX non-polymer '(2~{S})-4-[[(2~{R})-3-(1~{H}-imidazol-4-yl)-1-oxidanyl-1-oxidanylidene-propan-2-yl]amino]-2-[[(2~{S})-1-oxidanyl-1-oxidanylidene-propan-2-yl]amino]butanoic acid' 'C13 H20 N4 O6'
GOL non-polymer GLYCEROL 'C3 H8 O3'
NAP non-polymer 'NADP NICOTINAMIDE-ADENINE-DINUCLEOTIDE PHOSPHATE' 'C21 H28 N7 O17 P3'
PG4 non-polymer 'TETRAETHYLENE GLYCOL' 'C8 H18 O5'
#
# COMPACT_ATOMS: atom_id res chain seq x y z
N SER A 2 0.85 -24.43 -13.94
CA SER A 2 -0.23 -23.72 -14.70
C SER A 2 -1.54 -23.35 -13.94
N LYS A 3 -1.58 -23.41 -12.60
CA LYS A 3 -2.72 -22.81 -11.87
C LYS A 3 -2.30 -21.63 -10.99
N LEU A 4 -3.08 -20.55 -11.13
CA LEU A 4 -2.82 -19.33 -10.37
C LEU A 4 -4.00 -18.90 -9.53
N LEU A 5 -3.71 -18.57 -8.29
CA LEU A 5 -4.77 -18.08 -7.36
C LEU A 5 -4.57 -16.61 -7.07
N MET A 6 -5.56 -15.82 -7.44
CA MET A 6 -5.54 -14.40 -7.20
C MET A 6 -6.47 -14.07 -6.04
N ILE A 7 -5.86 -13.62 -4.95
CA ILE A 7 -6.55 -13.20 -3.75
C ILE A 7 -6.85 -11.68 -3.83
N GLY A 8 -8.12 -11.33 -4.00
CA GLY A 8 -8.57 -9.95 -4.21
C GLY A 8 -9.60 -9.99 -5.34
N THR A 9 -10.63 -9.18 -5.26
CA THR A 9 -11.51 -8.94 -6.41
C THR A 9 -11.70 -7.44 -6.66
N GLY A 10 -10.77 -6.64 -6.13
CA GLY A 10 -10.78 -5.21 -6.34
C GLY A 10 -10.17 -4.85 -7.70
N PRO A 11 -10.07 -3.55 -8.00
CA PRO A 11 -9.52 -3.14 -9.30
C PRO A 11 -8.08 -3.55 -9.51
N VAL A 12 -7.24 -3.55 -8.46
CA VAL A 12 -5.87 -4.09 -8.60
C VAL A 12 -5.92 -5.52 -9.11
N ALA A 13 -6.67 -6.38 -8.41
CA ALA A 13 -6.74 -7.77 -8.81
C ALA A 13 -7.24 -7.99 -10.24
N ILE A 14 -8.19 -7.20 -10.67
CA ILE A 14 -8.77 -7.35 -12.00
C ILE A 14 -7.71 -6.95 -13.07
N GLN A 15 -7.02 -5.83 -12.85
CA GLN A 15 -5.96 -5.40 -13.74
C GLN A 15 -4.92 -6.47 -13.85
N LEU A 16 -4.50 -7.02 -12.73
CA LEU A 16 -3.45 -8.04 -12.73
C LEU A 16 -3.91 -9.33 -13.36
N ALA A 17 -5.19 -9.64 -13.15
CA ALA A 17 -5.76 -10.84 -13.75
C ALA A 17 -5.76 -10.71 -15.27
N ASN A 18 -6.10 -9.54 -15.82
CA ASN A 18 -6.04 -9.32 -17.28
C ASN A 18 -4.64 -9.49 -17.86
N ILE A 19 -3.65 -9.00 -17.13
CA ILE A 19 -2.23 -9.24 -17.44
C ILE A 19 -1.91 -10.72 -17.46
N CYS A 20 -2.18 -11.45 -16.40
CA CYS A 20 -1.95 -12.90 -16.45
C CYS A 20 -2.75 -13.62 -17.56
N TYR A 21 -3.99 -13.22 -17.78
CA TYR A 21 -4.81 -13.80 -18.83
C TYR A 21 -4.16 -13.67 -20.21
N LEU A 22 -3.66 -12.47 -20.56
CA LEU A 22 -3.12 -12.19 -21.91
C LEU A 22 -1.68 -12.58 -22.10
N LYS A 23 -0.90 -12.67 -21.02
CA LYS A 23 0.56 -12.82 -21.15
C LYS A 23 1.13 -13.93 -20.29
N SER A 24 0.31 -14.81 -19.72
CA SER A 24 0.81 -15.99 -18.99
C SER A 24 0.10 -17.26 -19.47
N ASP A 25 0.60 -18.42 -19.04
CA ASP A 25 0.02 -19.74 -19.33
C ASP A 25 -0.78 -20.32 -18.13
N TYR A 26 -1.06 -19.49 -17.13
CA TYR A 26 -1.83 -19.92 -15.94
C TYR A 26 -3.38 -19.96 -16.20
N GLU A 27 -4.02 -20.99 -15.66
CA GLU A 27 -5.44 -20.97 -15.45
C GLU A 27 -5.62 -20.12 -14.20
N ILE A 28 -6.47 -19.13 -14.28
CA ILE A 28 -6.61 -18.14 -13.20
C ILE A 28 -7.92 -18.30 -12.41
N ASP A 29 -7.80 -18.57 -11.11
CA ASP A 29 -8.98 -18.44 -10.21
C ASP A 29 -8.83 -17.19 -9.34
N MET A 30 -9.95 -16.53 -9.02
CA MET A 30 -9.93 -15.36 -8.13
C MET A 30 -10.84 -15.64 -6.93
N VAL A 31 -10.57 -14.95 -5.83
CA VAL A 31 -11.27 -15.14 -4.52
C VAL A 31 -11.49 -13.81 -3.83
N GLY A 32 -12.74 -13.48 -3.55
CA GLY A 32 -13.02 -12.40 -2.60
C GLY A 32 -13.57 -12.89 -1.26
N ARG A 33 -14.59 -12.18 -0.76
CA ARG A 33 -15.31 -12.49 0.48
C ARG A 33 -16.81 -12.05 0.50
N ALA A 34 -17.77 -12.84 0.02
CA ALA A 34 -19.24 -12.62 0.40
C ALA A 34 -19.58 -12.92 1.86
N SER A 35 -18.88 -13.84 2.51
CA SER A 35 -19.07 -14.03 3.96
C SER A 35 -18.83 -12.76 4.83
N THR A 36 -18.60 -11.60 4.23
CA THR A 36 -17.87 -10.53 4.93
C THR A 36 -18.04 -9.12 4.35
N SER A 37 -18.55 -8.99 3.13
CA SER A 37 -18.44 -7.75 2.41
C SER A 37 -19.44 -7.63 1.30
N GLU A 38 -20.33 -6.67 1.45
CA GLU A 38 -21.27 -6.29 0.42
C GLU A 38 -20.55 -5.79 -0.82
N LYS A 39 -19.31 -5.29 -0.68
CA LYS A 39 -18.47 -4.85 -1.85
C LYS A 39 -18.12 -6.08 -2.75
N SER A 40 -17.38 -7.04 -2.20
CA SER A 40 -17.24 -8.37 -2.79
C SER A 40 -18.50 -9.05 -3.36
N LYS A 41 -19.62 -8.94 -2.68
CA LYS A 41 -20.86 -9.53 -3.18
C LYS A 41 -21.38 -8.79 -4.42
N ARG A 42 -21.32 -7.47 -4.46
CA ARG A 42 -21.68 -6.76 -5.72
C ARG A 42 -20.81 -7.24 -6.90
N LEU A 43 -19.52 -7.43 -6.64
CA LEU A 43 -18.61 -7.82 -7.66
C LEU A 43 -18.93 -9.20 -8.11
N TYR A 44 -19.14 -10.10 -7.15
CA TYR A 44 -19.46 -11.47 -7.52
C TYR A 44 -20.74 -11.51 -8.33
N GLN A 45 -21.79 -10.83 -7.87
CA GLN A 45 -23.05 -10.77 -8.61
C GLN A 45 -22.90 -10.22 -10.04
N ALA A 46 -22.05 -9.20 -10.19
CA ALA A 46 -21.82 -8.53 -11.49
C ALA A 46 -21.05 -9.40 -12.46
N TYR A 47 -19.97 -10.03 -11.98
CA TYR A 47 -19.23 -10.98 -12.78
C TYR A 47 -20.11 -12.15 -13.21
N LYS A 48 -20.90 -12.68 -12.28
CA LYS A 48 -21.85 -13.80 -12.52
C LYS A 48 -22.79 -13.45 -13.67
N LYS A 49 -23.29 -12.22 -13.69
CA LYS A 49 -24.21 -11.76 -14.75
C LYS A 49 -23.52 -11.65 -16.12
N GLU A 50 -22.48 -10.82 -16.23
CA GLU A 50 -21.80 -10.55 -17.50
C GLU A 50 -20.82 -11.67 -17.93
N LYS A 51 -20.40 -12.52 -17.01
CA LYS A 51 -19.37 -13.53 -17.28
C LYS A 51 -18.08 -12.93 -17.86
N GLN A 52 -17.79 -11.68 -17.56
CA GLN A 52 -16.63 -10.98 -18.11
C GLN A 52 -16.23 -9.86 -17.17
N PHE A 53 -14.93 -9.75 -16.95
CA PHE A 53 -14.34 -8.51 -16.44
C PHE A 53 -13.91 -7.63 -17.61
N GLU A 54 -13.72 -6.34 -17.32
CA GLU A 54 -13.14 -5.39 -18.29
C GLU A 54 -12.20 -4.38 -17.66
N VAL A 55 -11.01 -4.27 -18.24
CA VAL A 55 -10.15 -3.10 -18.05
C VAL A 55 -10.24 -2.18 -19.28
N LYS A 56 -10.59 -0.91 -19.03
CA LYS A 56 -10.45 0.18 -19.99
C LYS A 56 -9.27 1.05 -19.56
N ILE A 57 -8.84 1.94 -20.47
CA ILE A 57 -7.76 2.91 -20.20
C ILE A 57 -8.22 4.30 -20.56
N GLN A 58 -7.48 5.27 -20.02
CA GLN A 58 -7.76 6.69 -20.19
C GLN A 58 -6.73 7.29 -21.10
N ASN A 59 -5.47 7.15 -20.71
CA ASN A 59 -4.34 7.52 -21.57
C ASN A 59 -4.00 6.29 -22.42
N GLU A 60 -3.86 6.53 -23.72
CA GLU A 60 -3.71 5.46 -24.71
C GLU A 60 -2.26 4.95 -24.79
N ALA A 61 -1.33 5.55 -24.05
CA ALA A 61 0.02 5.00 -23.93
C ALA A 61 0.09 3.66 -23.19
N HIS A 62 -1.02 3.25 -22.58
CA HIS A 62 -1.09 2.03 -21.80
C HIS A 62 -1.93 0.92 -22.46
N GLN A 63 -1.66 0.56 -23.71
CA GLN A 63 -2.61 -0.32 -24.48
C GLN A 63 -2.64 -1.78 -24.01
N HIS A 64 -1.49 -2.44 -24.09
CA HIS A 64 -1.12 -3.65 -23.33
C HIS A 64 -1.99 -4.10 -22.11
N LEU A 65 -2.44 -3.14 -21.29
CA LEU A 65 -3.17 -3.41 -20.03
C LEU A 65 -4.69 -3.55 -20.16
N GLU A 66 -5.30 -2.97 -21.18
CA GLU A 66 -6.76 -3.10 -21.38
C GLU A 66 -7.14 -4.49 -21.84
N GLY A 67 -8.46 -4.73 -21.85
CA GLY A 67 -9.01 -5.93 -22.41
C GLY A 67 -10.18 -6.45 -21.60
N LYS A 68 -11.08 -7.08 -22.33
CA LYS A 68 -12.15 -7.79 -21.77
C LYS A 68 -11.69 -9.22 -21.59
N PHE A 69 -12.13 -9.86 -20.49
CA PHE A 69 -11.74 -11.25 -20.19
C PHE A 69 -12.60 -11.99 -19.17
N GLU A 70 -12.42 -13.30 -19.16
CA GLU A 70 -13.20 -14.20 -18.36
C GLU A 70 -12.13 -15.01 -17.67
N ILE A 71 -12.30 -15.34 -16.39
CA ILE A 71 -11.35 -16.21 -15.70
C ILE A 71 -11.90 -17.62 -15.59
N ASN A 72 -11.11 -18.55 -15.08
CA ASN A 72 -11.57 -19.94 -14.90
C ASN A 72 -12.63 -20.09 -13.77
N ARG A 73 -12.37 -19.54 -12.59
CA ARG A 73 -13.26 -19.69 -11.45
C ARG A 73 -13.19 -18.48 -10.53
N LEU A 74 -14.33 -17.83 -10.32
CA LEU A 74 -14.46 -16.88 -9.25
C LEU A 74 -15.04 -17.62 -8.00
N TYR A 75 -14.19 -17.79 -6.98
CA TYR A 75 -14.62 -18.22 -5.68
C TYR A 75 -15.34 -17.09 -4.93
N LYS A 76 -16.41 -17.46 -4.23
CA LYS A 76 -17.15 -16.49 -3.40
C LYS A 76 -16.41 -16.16 -2.10
N ASP A 77 -15.70 -17.10 -1.51
CA ASP A 77 -15.06 -16.84 -0.22
C ASP A 77 -13.84 -17.70 -0.05
N VAL A 78 -12.91 -17.23 0.75
CA VAL A 78 -11.59 -17.86 0.80
C VAL A 78 -11.64 -19.32 1.16
N LYS A 79 -12.51 -19.67 2.08
CA LYS A 79 -12.62 -21.05 2.55
C LYS A 79 -13.08 -21.99 1.45
N ASN A 80 -13.78 -21.48 0.45
CA ASN A 80 -14.25 -22.28 -0.70
C ASN A 80 -13.11 -22.77 -1.60
N VAL A 81 -11.93 -22.16 -1.48
CA VAL A 81 -10.81 -22.54 -2.32
C VAL A 81 -10.40 -24.01 -2.08
N LYS A 82 -10.23 -24.76 -3.15
CA LYS A 82 -9.67 -26.09 -3.04
C LYS A 82 -8.71 -26.39 -4.18
N GLY A 83 -7.90 -27.42 -3.96
CA GLY A 83 -7.02 -27.91 -5.00
C GLY A 83 -5.72 -27.15 -4.98
N GLU A 84 -4.94 -27.34 -6.03
CA GLU A 84 -3.52 -26.99 -6.03
C GLU A 84 -3.28 -25.79 -6.85
N TYR A 85 -2.38 -24.93 -6.37
CA TYR A 85 -2.03 -23.67 -7.05
C TYR A 85 -0.54 -23.44 -6.84
N GLU A 86 0.14 -23.29 -7.96
CA GLU A 86 1.57 -23.15 -8.05
C GLU A 86 1.96 -21.75 -7.55
N THR A 87 1.21 -20.78 -8.06
CA THR A 87 1.46 -19.37 -7.79
C THR A 87 0.23 -18.72 -7.14
N VAL A 88 0.49 -17.88 -6.15
CA VAL A 88 -0.57 -17.11 -5.45
C VAL A 88 -0.22 -15.63 -5.48
N VAL A 89 -1.13 -14.82 -5.98
CA VAL A 89 -0.94 -13.39 -6.03
C VAL A 89 -1.81 -12.68 -4.96
N MET A 90 -1.17 -11.94 -4.06
CA MET A 90 -1.90 -11.23 -3.03
C MET A 90 -2.25 -9.83 -3.52
N ALA A 91 -3.48 -9.65 -4.01
CA ALA A 91 -3.96 -8.36 -4.45
C ALA A 91 -4.91 -7.73 -3.44
N CYS A 92 -4.76 -8.08 -2.16
CA CYS A 92 -5.57 -7.53 -1.06
C CYS A 92 -4.70 -6.55 -0.26
N THR A 93 -5.23 -6.00 0.82
CA THR A 93 -4.47 -5.12 1.70
C THR A 93 -3.42 -5.92 2.52
N ALA A 94 -2.25 -5.32 2.72
CA ALA A 94 -1.16 -5.99 3.43
C ALA A 94 -1.54 -6.50 4.85
N ASP A 95 -2.39 -5.78 5.58
CA ASP A 95 -2.89 -6.24 6.88
C ASP A 95 -3.84 -7.47 6.82
N ALA A 96 -4.16 -8.00 5.64
CA ALA A 96 -4.97 -9.22 5.53
C ALA A 96 -4.22 -10.45 5.03
N TYR A 97 -2.92 -10.33 4.77
CA TYR A 97 -2.14 -11.39 4.15
C TYR A 97 -2.14 -12.66 4.98
N TYR A 98 -1.84 -12.50 6.27
CA TYR A 98 -1.85 -13.61 7.22
C TYR A 98 -3.26 -14.17 7.40
N ASP A 99 -4.17 -13.29 7.73
CA ASP A 99 -5.56 -13.67 7.98
C ASP A 99 -6.05 -14.52 6.82
N THR A 100 -5.77 -14.09 5.60
CA THR A 100 -6.34 -14.75 4.44
C THR A 100 -5.62 -16.06 4.08
N LEU A 101 -4.30 -16.13 4.20
CA LEU A 101 -3.58 -17.38 3.89
C LEU A 101 -3.98 -18.52 4.85
N GLN A 102 -4.04 -18.21 6.14
CA GLN A 102 -4.39 -19.14 7.19
C GLN A 102 -5.77 -19.81 7.00
N GLN A 103 -6.67 -19.16 6.25
CA GLN A 103 -7.95 -19.79 5.86
C GLN A 103 -7.91 -20.84 4.72
N LEU A 104 -6.79 -20.94 4.03
CA LEU A 104 -6.70 -21.87 2.91
C LEU A 104 -6.40 -23.26 3.46
N SER A 105 -6.72 -24.27 2.67
CA SER A 105 -6.57 -25.63 3.12
C SER A 105 -5.12 -26.03 3.16
N LEU A 106 -4.84 -27.05 3.94
CA LEU A 106 -3.51 -27.65 3.98
C LEU A 106 -3.03 -28.11 2.62
N GLU A 107 -3.93 -28.73 1.87
CA GLU A 107 -3.65 -29.22 0.50
C GLU A 107 -3.21 -28.09 -0.41
N THR A 108 -4.00 -27.02 -0.40
CA THR A 108 -3.69 -25.83 -1.17
C THR A 108 -2.32 -25.24 -0.76
N LEU A 109 -2.07 -25.04 0.52
CA LEU A 109 -0.83 -24.40 0.97
C LEU A 109 0.43 -25.17 0.64
N GLN A 110 0.33 -26.50 0.58
CA GLN A 110 1.47 -27.37 0.26
C GLN A 110 1.88 -27.32 -1.20
N SER A 111 0.90 -26.99 -2.08
CA SER A 111 1.14 -26.92 -3.52
C SER A 111 1.87 -25.65 -3.95
N VAL A 112 1.81 -24.62 -3.10
CA VAL A 112 2.23 -23.25 -3.52
C VAL A 112 3.74 -23.17 -3.62
N LYS A 113 4.24 -22.65 -4.75
CA LYS A 113 5.67 -22.41 -4.94
C LYS A 113 6.06 -20.91 -4.87
N HIS A 114 5.19 -20.04 -5.38
CA HIS A 114 5.45 -18.61 -5.45
C HIS A 114 4.32 -17.84 -4.79
N VAL A 115 4.66 -16.92 -3.88
CA VAL A 115 3.72 -15.91 -3.40
C VAL A 115 4.21 -14.51 -3.76
N ILE A 116 3.40 -13.80 -4.53
CA ILE A 116 3.72 -12.51 -5.07
C ILE A 116 2.87 -11.49 -4.38
N LEU A 117 3.53 -10.46 -3.83
CA LEU A 117 2.92 -9.49 -2.91
C LEU A 117 2.91 -8.14 -3.58
N ILE A 118 1.71 -7.68 -3.89
CA ILE A 118 1.54 -6.56 -4.77
C ILE A 118 1.70 -5.20 -4.05
N SER A 119 1.14 -5.05 -2.86
CA SER A 119 1.16 -3.78 -2.13
C SER A 119 1.60 -4.11 -0.73
N PRO A 120 2.78 -4.71 -0.62
CA PRO A 120 3.25 -5.08 0.71
C PRO A 120 3.63 -3.84 1.47
N THR A 121 3.42 -3.87 2.77
CA THR A 121 4.19 -3.00 3.67
C THR A 121 5.60 -3.55 3.93
N PHE A 122 6.32 -2.84 4.79
CA PHE A 122 7.67 -3.23 5.22
C PHE A 122 7.52 -4.35 6.22
N GLY A 123 8.18 -5.49 5.94
CA GLY A 123 8.02 -6.71 6.77
C GLY A 123 7.01 -7.75 6.30
N SER A 124 6.34 -7.51 5.18
CA SER A 124 5.26 -8.37 4.72
C SER A 124 5.81 -9.73 4.25
N GLN A 125 6.89 -9.69 3.46
CA GLN A 125 7.57 -10.91 3.00
C GLN A 125 8.00 -11.77 4.17
N MET A 126 8.60 -11.18 5.19
CA MET A 126 8.99 -11.97 6.36
C MET A 126 7.81 -12.72 6.96
N ILE A 127 6.69 -12.03 7.14
CA ILE A 127 5.44 -12.65 7.65
C ILE A 127 5.01 -13.81 6.77
N VAL A 128 5.07 -13.60 5.46
CA VAL A 128 4.49 -14.54 4.53
C VAL A 128 5.47 -15.69 4.31
N GLU A 129 6.76 -15.40 4.25
CA GLU A 129 7.77 -16.47 4.22
C GLU A 129 7.68 -17.35 5.46
N GLN A 130 7.63 -16.75 6.62
CA GLN A 130 7.56 -17.55 7.84
C GLN A 130 6.32 -18.41 7.93
N PHE A 131 5.18 -17.88 7.54
CA PHE A 131 3.92 -18.65 7.62
C PHE A 131 3.92 -19.78 6.60
N MET A 132 4.36 -19.49 5.39
CA MET A 132 4.42 -20.49 4.32
C MET A 132 5.42 -21.61 4.58
N SER A 133 6.41 -21.35 5.45
CA SER A 133 7.41 -22.35 5.84
C SER A 133 6.88 -23.61 6.50
N LYS A 134 5.70 -23.57 7.09
CA LYS A 134 5.09 -24.79 7.61
C LYS A 134 4.51 -25.75 6.52
N PHE A 135 4.64 -25.42 5.22
CA PHE A 135 3.90 -26.15 4.17
C PHE A 135 4.69 -26.50 2.93
N SER A 136 5.37 -25.51 2.35
CA SER A 136 6.42 -25.75 1.37
C SER A 136 7.69 -25.77 2.19
N GLN A 137 8.78 -26.21 1.56
CA GLN A 137 10.10 -26.11 2.18
C GLN A 137 10.91 -24.98 1.60
N ASP A 138 10.79 -24.74 0.30
CA ASP A 138 11.53 -23.69 -0.39
C ASP A 138 10.61 -22.64 -1.07
N ILE A 139 9.65 -22.09 -0.32
CA ILE A 139 8.70 -21.13 -0.89
C ILE A 139 9.41 -19.93 -1.50
N GLU A 140 9.00 -19.51 -2.70
CA GLU A 140 9.50 -18.27 -3.29
C GLU A 140 8.49 -17.16 -2.96
N VAL A 141 8.95 -16.08 -2.35
CA VAL A 141 8.13 -14.90 -2.03
C VAL A 141 8.69 -13.70 -2.76
N ILE A 142 7.81 -12.96 -3.43
CA ILE A 142 8.20 -11.77 -4.19
C ILE A 142 7.44 -10.51 -3.75
N SER A 143 8.20 -9.43 -3.55
CA SER A 143 7.68 -8.11 -3.19
C SER A 143 7.96 -7.05 -4.25
N PHE A 144 6.90 -6.33 -4.60
CA PHE A 144 6.98 -5.05 -5.27
C PHE A 144 6.98 -3.87 -4.28
N SER A 145 7.52 -2.75 -4.74
CA SER A 145 7.40 -1.50 -4.00
C SER A 145 5.94 -1.08 -3.81
N THR A 146 5.21 -1.09 -4.92
CA THR A 146 3.83 -0.68 -4.98
C THR A 146 3.14 -1.34 -6.17
N TYR A 147 1.82 -1.26 -6.17
CA TYR A 147 1.06 -1.54 -7.35
C TYR A 147 1.53 -0.66 -8.48
N LEU A 148 1.43 -1.20 -9.68
CA LEU A 148 1.90 -0.56 -10.92
C LEU A 148 1.23 0.75 -11.37
N GLY A 149 0.10 1.15 -10.77
CA GLY A 149 -0.48 2.43 -11.17
C GLY A 149 -1.67 2.85 -10.37
N ASP A 150 -2.69 3.36 -11.06
CA ASP A 150 -3.99 3.67 -10.48
C ASP A 150 -5.08 3.05 -11.30
N THR A 151 -5.74 2.08 -10.70
CA THR A 151 -6.98 1.53 -11.19
C THR A 151 -8.12 1.81 -10.23
N ARG A 152 -9.28 2.08 -10.80
CA ARG A 152 -10.45 2.33 -10.00
C ARG A 152 -11.69 1.86 -10.72
N ILE A 153 -12.78 1.83 -9.99
CA ILE A 153 -14.08 1.53 -10.51
C ILE A 153 -14.70 2.89 -10.75
N VAL A 154 -15.16 3.17 -11.96
CA VAL A 154 -15.87 4.44 -12.17
C VAL A 154 -17.30 4.37 -11.59
N ASP A 155 -17.97 3.27 -11.88
CA ASP A 155 -19.34 3.02 -11.50
C ASP A 155 -19.38 1.84 -10.52
N LYS A 156 -19.74 2.12 -9.26
CA LYS A 156 -19.95 1.10 -8.21
C LYS A 156 -20.89 -0.03 -8.59
N GLU A 157 -21.78 0.23 -9.55
CA GLU A 157 -22.80 -0.74 -9.98
C GLU A 157 -22.24 -1.76 -10.99
N ALA A 158 -21.14 -1.38 -11.67
CA ALA A 158 -20.39 -2.26 -12.56
C ALA A 158 -18.92 -2.46 -12.07
N PRO A 159 -18.74 -3.07 -10.87
CA PRO A 159 -17.39 -3.12 -10.30
C PRO A 159 -16.47 -4.11 -10.96
N ASN A 160 -17.01 -4.94 -11.84
CA ASN A 160 -16.21 -5.73 -12.77
C ASN A 160 -15.62 -4.95 -13.97
N HIS A 161 -15.87 -3.62 -14.04
CA HIS A 161 -15.36 -2.73 -15.12
C HIS A 161 -14.48 -1.69 -14.46
N VAL A 162 -13.19 -1.69 -14.78
CA VAL A 162 -12.24 -0.81 -14.09
C VAL A 162 -11.41 0.01 -15.09
N LEU A 163 -10.84 1.10 -14.59
CA LEU A 163 -10.18 2.09 -15.40
C LEU A 163 -8.84 2.33 -14.79
N THR A 164 -7.80 1.98 -15.53
CA THR A 164 -6.42 2.34 -15.15
C THR A 164 -6.05 3.70 -15.80
N THR A 165 -5.82 4.70 -14.95
CA THR A 165 -5.65 6.11 -15.32
C THR A 165 -4.19 6.47 -15.38
N GLY A 166 -3.44 6.07 -14.37
CA GLY A 166 -2.00 6.28 -14.34
C GLY A 166 -1.22 4.97 -14.22
N VAL A 167 0.03 5.04 -14.68
CA VAL A 167 1.05 4.01 -14.44
C VAL A 167 2.30 4.67 -13.82
N LYS A 168 2.96 3.97 -12.90
CA LYS A 168 4.09 4.52 -12.18
C LYS A 168 5.27 4.62 -13.09
N LYS A 169 6.14 5.56 -12.78
CA LYS A 169 7.36 5.78 -13.55
C LYS A 169 8.30 4.60 -13.34
N LYS A 170 8.48 4.24 -12.09
CA LYS A 170 9.38 3.17 -11.73
C LYS A 170 8.75 2.32 -10.62
N LEU A 171 8.79 0.98 -10.76
CA LEU A 171 8.58 0.06 -9.64
C LEU A 171 9.86 -0.67 -9.32
N TYR A 172 9.91 -1.26 -8.14
CA TYR A 172 11.01 -2.09 -7.70
C TYR A 172 10.44 -3.48 -7.45
N MET A 173 11.34 -4.47 -7.30
CA MET A 173 10.95 -5.87 -7.16
C MET A 173 12.07 -6.68 -6.54
N GLY A 174 11.74 -7.38 -5.46
CA GLY A 174 12.71 -8.21 -4.74
C GLY A 174 12.18 -9.62 -4.55
N SER A 175 13.05 -10.62 -4.68
CA SER A 175 12.69 -12.02 -4.40
C SER A 175 13.60 -12.66 -3.37
N THR A 176 13.01 -13.55 -2.59
CA THR A 176 13.74 -14.45 -1.70
C THR A 176 14.73 -15.35 -2.46
N HIS A 177 14.49 -15.46 -3.77
CA HIS A 177 15.25 -16.25 -4.69
C HIS A 177 15.76 -15.36 -5.79
N SER A 178 16.96 -14.80 -5.60
CA SER A 178 17.55 -13.89 -6.59
C SER A 178 17.48 -14.47 -7.99
N ASN A 179 17.11 -13.64 -8.95
CA ASN A 179 17.19 -14.00 -10.36
C ASN A 179 16.51 -15.33 -10.66
N SER A 180 15.40 -15.60 -9.99
CA SER A 180 14.60 -16.79 -10.28
C SER A 180 14.01 -16.76 -11.68
N THR A 181 13.48 -17.90 -12.11
CA THR A 181 12.71 -17.96 -13.36
C THR A 181 11.54 -16.96 -13.35
N MET A 182 10.82 -17.00 -12.25
CA MET A 182 9.74 -16.06 -11.93
C MET A 182 10.26 -14.60 -12.06
N CYS A 183 11.37 -14.27 -11.38
CA CYS A 183 11.97 -12.91 -11.50
C CYS A 183 12.15 -12.49 -12.97
N GLN A 184 12.72 -13.40 -13.77
CA GLN A 184 12.99 -13.08 -15.16
C GLN A 184 11.70 -12.99 -15.96
N ARG A 185 10.72 -13.84 -15.65
CA ARG A 185 9.42 -13.76 -16.32
C ARG A 185 8.73 -12.42 -16.00
N ILE A 186 8.81 -11.94 -14.76
CA ILE A 186 8.23 -10.62 -14.44
C ILE A 186 8.91 -9.50 -15.28
N SER A 187 10.26 -9.48 -15.25
CA SER A 187 11.05 -8.51 -16.01
C SER A 187 10.66 -8.46 -17.47
N ALA A 188 10.59 -9.63 -18.08
CA ALA A 188 10.18 -9.72 -19.48
C ALA A 188 8.80 -9.12 -19.70
N LEU A 189 7.91 -9.46 -18.77
CA LEU A 189 6.53 -8.96 -18.75
C LEU A 189 6.50 -7.45 -18.59
N ALA A 190 7.33 -6.97 -17.68
CA ALA A 190 7.44 -5.54 -17.43
C ALA A 190 7.75 -4.75 -18.69
N GLU A 191 8.74 -5.18 -19.46
CA GLU A 191 9.07 -4.45 -20.68
C GLU A 191 8.05 -4.67 -21.80
N GLN A 192 7.28 -5.77 -21.79
CA GLN A 192 6.13 -5.88 -22.72
C GLN A 192 5.20 -4.70 -22.48
N LEU A 193 4.94 -4.46 -21.20
CA LEU A 193 4.03 -3.42 -20.76
C LEU A 193 4.65 -2.02 -20.76
N LYS A 194 5.98 -1.97 -21.00
CA LYS A 194 6.80 -0.74 -21.05
C LYS A 194 6.78 -0.06 -19.71
N ILE A 195 7.03 -0.85 -18.68
CA ILE A 195 7.04 -0.37 -17.31
C ILE A 195 8.43 -0.61 -16.80
N GLN A 196 9.16 0.47 -16.61
CA GLN A 196 10.48 0.41 -16.04
C GLN A 196 10.40 -0.34 -14.73
N LEU A 197 11.17 -1.40 -14.60
CA LEU A 197 11.20 -2.16 -13.38
C LEU A 197 12.60 -2.31 -12.90
N GLU A 198 12.81 -2.12 -11.60
CA GLU A 198 14.12 -2.32 -11.06
C GLU A 198 14.13 -3.50 -10.16
N VAL A 199 15.09 -4.37 -10.38
CA VAL A 199 15.24 -5.54 -9.54
C VAL A 199 16.25 -5.19 -8.46
N VAL A 200 15.93 -5.52 -7.22
CA VAL A 200 16.79 -5.25 -6.08
C VAL A 200 17.07 -6.55 -5.34
N GLU A 201 18.03 -6.50 -4.42
CA GLU A 201 18.58 -7.69 -3.78
C GLU A 201 17.56 -8.57 -3.09
N SER A 202 16.64 -7.98 -2.34
CA SER A 202 15.67 -8.78 -1.60
C SER A 202 14.27 -8.12 -1.56
N PRO A 203 13.26 -8.81 -1.02
CA PRO A 203 11.93 -8.24 -0.96
C PRO A 203 11.84 -7.02 -0.02
N LEU A 204 12.45 -7.14 1.15
CA LEU A 204 12.59 -6.04 2.09
C LEU A 204 13.03 -4.77 1.35
N HIS A 205 14.12 -4.89 0.59
CA HIS A 205 14.69 -3.79 -0.17
C HIS A 205 13.62 -3.11 -1.05
N ALA A 206 12.79 -3.88 -1.74
CA ALA A 206 11.73 -3.30 -2.59
C ALA A 206 10.62 -2.65 -1.77
N GLU A 207 10.30 -3.25 -0.63
CA GLU A 207 9.28 -2.77 0.27
C GLU A 207 9.56 -1.39 0.95
N THR A 208 10.82 -0.95 0.91
CA THR A 208 11.22 0.30 1.50
C THR A 208 11.27 1.40 0.44
N ARG A 209 11.00 1.06 -0.82
CA ARG A 209 10.95 2.00 -1.94
C ARG A 209 9.50 2.39 -2.26
N ASN A 210 8.84 2.77 -1.18
CA ASN A 210 7.49 3.23 -1.21
C ASN A 210 7.47 4.51 -0.38
N SER A 211 7.19 5.65 -1.03
CA SER A 211 7.18 6.94 -0.33
C SER A 211 6.16 6.96 0.83
N SER A 212 5.02 6.30 0.66
CA SER A 212 3.93 6.31 1.62
C SER A 212 4.33 5.77 2.97
N LEU A 213 5.30 4.87 2.98
CA LEU A 213 5.88 4.36 4.21
C LEU A 213 6.31 5.47 5.13
N TYR A 214 6.99 6.45 4.56
CA TYR A 214 7.60 7.55 5.33
C TYR A 214 6.71 8.76 5.52
N VAL A 215 5.78 8.94 4.58
CA VAL A 215 4.95 10.13 4.48
C VAL A 215 3.55 10.03 5.11
N HIS A 216 2.87 8.90 4.90
CA HIS A 216 1.52 8.75 5.43
C HIS A 216 1.43 8.83 6.97
N PRO A 217 2.38 8.22 7.69
CA PRO A 217 2.27 8.20 9.16
C PRO A 217 2.34 9.58 9.84
N PRO A 218 3.34 10.39 9.51
CA PRO A 218 3.31 11.76 10.07
C PRO A 218 2.13 12.60 9.56
N LEU A 219 1.67 12.35 8.34
CA LEU A 219 0.57 13.14 7.77
C LEU A 219 -0.77 12.85 8.37
N PHE A 220 -0.97 11.60 8.80
CA PHE A 220 -2.28 11.17 9.29
C PHE A 220 -2.35 10.86 10.78
N MET A 221 -1.21 10.58 11.42
CA MET A 221 -1.19 10.19 12.82
C MET A 221 -0.63 11.34 13.68
N ASN A 222 -1.38 12.44 13.68
CA ASN A 222 -1.15 13.66 14.47
C ASN A 222 -2.52 14.17 14.82
N ASP A 223 -2.58 15.11 15.77
CA ASP A 223 -3.84 15.45 16.41
C ASP A 223 -4.76 16.14 15.40
N PHE A 224 -4.18 16.94 14.50
CA PHE A 224 -4.99 17.67 13.55
C PHE A 224 -5.76 16.72 12.61
N SER A 225 -4.99 15.92 11.89
CA SER A 225 -5.51 14.86 11.02
C SER A 225 -6.47 13.94 11.77
N LEU A 226 -6.03 13.45 12.93
CA LEU A 226 -6.86 12.48 13.69
C LEU A 226 -8.22 13.07 14.06
N LYS A 227 -8.27 14.33 14.52
CA LYS A 227 -9.53 15.03 14.72
C LYS A 227 -10.40 15.08 13.45
N ALA A 228 -9.78 15.41 12.31
CA ALA A 228 -10.54 15.57 11.07
C ALA A 228 -11.22 14.30 10.66
N ILE A 229 -10.53 13.19 10.90
CA ILE A 229 -11.03 11.83 10.54
C ILE A 229 -12.12 11.30 11.53
N PHE A 230 -11.84 11.36 12.83
CA PHE A 230 -12.73 10.79 13.86
C PHE A 230 -13.83 11.73 14.32
N GLU A 231 -13.55 13.02 14.43
CA GLU A 231 -14.48 13.99 15.00
C GLU A 231 -15.15 14.86 13.94
N GLY A 232 -14.39 15.31 12.96
CA GLY A 232 -14.93 16.27 12.01
C GLY A 232 -14.42 17.65 12.38
N THR A 233 -14.68 18.61 11.50
CA THR A 233 -14.19 19.97 11.70
C THR A 233 -15.33 20.90 11.30
N ASP A 234 -15.26 22.14 11.76
CA ASP A 234 -16.27 23.16 11.45
C ASP A 234 -16.33 23.55 9.98
N VAL A 235 -15.15 23.73 9.39
CA VAL A 235 -15.02 23.95 7.93
C VAL A 235 -14.13 22.85 7.38
N PRO A 236 -14.33 22.46 6.10
CA PRO A 236 -13.44 21.43 5.53
C PRO A 236 -11.94 21.78 5.66
N VAL A 237 -11.12 20.80 6.02
CA VAL A 237 -9.65 20.94 5.98
C VAL A 237 -9.12 19.90 5.00
N TYR A 238 -7.81 19.96 4.71
CA TYR A 238 -7.23 19.22 3.59
C TYR A 238 -5.87 18.63 3.93
N VAL A 239 -5.65 17.42 3.46
CA VAL A 239 -4.50 16.61 3.80
C VAL A 239 -3.16 17.29 3.53
N TYR A 240 -3.07 17.98 2.39
CA TYR A 240 -1.81 18.56 1.87
C TYR A 240 -1.64 20.08 2.10
N LYS A 241 -2.62 20.73 2.67
CA LYS A 241 -2.50 22.12 2.98
C LYS A 241 -1.71 22.42 4.27
N LEU A 242 -1.31 23.68 4.38
CA LEU A 242 -0.58 24.26 5.51
C LEU A 242 -1.58 24.65 6.62
N PHE A 243 -1.16 24.55 7.87
CA PHE A 243 -2.02 24.93 8.98
C PHE A 243 -2.42 26.38 8.82
N PRO A 244 -3.71 26.75 8.97
CA PRO A 244 -4.80 25.92 9.52
C PRO A 244 -5.70 25.25 8.50
N GLU A 245 -5.34 25.33 7.22
CA GLU A 245 -6.12 24.68 6.17
C GLU A 245 -5.85 23.18 6.16
N GLY A 246 -4.73 22.77 6.75
CA GLY A 246 -4.34 21.38 6.81
C GLY A 246 -3.24 21.13 7.84
N PRO A 247 -2.72 19.93 7.87
CA PRO A 247 -1.86 19.62 8.99
C PRO A 247 -0.43 20.08 8.92
N ILE A 248 0.01 20.58 7.76
CA ILE A 248 1.43 20.66 7.49
C ILE A 248 2.00 21.87 8.19
N THR A 249 3.14 21.63 8.81
CA THR A 249 3.60 22.48 9.88
C THR A 249 5.03 22.11 10.13
N MET A 250 5.84 22.99 10.72
CA MET A 250 7.23 22.64 11.00
C MET A 250 7.27 21.44 11.89
N THR A 251 6.39 21.37 12.85
CA THR A 251 6.23 20.19 13.72
C THR A 251 6.06 18.87 12.91
N LEU A 252 5.07 18.85 12.03
CA LEU A 252 4.79 17.71 11.20
C LEU A 252 5.99 17.28 10.39
N ILE A 253 6.68 18.23 9.80
CA ILE A 253 7.89 17.96 9.04
C ILE A 253 9.02 17.40 9.91
N ARG A 254 9.14 17.86 11.16
CA ARG A 254 10.15 17.30 12.08
C ARG A 254 9.83 15.79 12.34
N GLU A 255 8.55 15.49 12.51
CA GLU A 255 8.09 14.15 12.83
C GLU A 255 8.35 13.21 11.63
N MET A 256 8.29 13.75 10.43
CA MET A 256 8.55 13.00 9.24
C MET A 256 10.04 12.73 9.12
N ARG A 257 10.88 13.73 9.33
CA ARG A 257 12.33 13.48 9.32
C ARG A 257 12.71 12.44 10.37
N LEU A 258 12.09 12.54 11.53
CA LEU A 258 12.40 11.63 12.63
C LEU A 258 12.03 10.17 12.33
N MET A 259 10.81 9.99 11.84
CA MET A 259 10.35 8.68 11.46
C MET A 259 11.14 8.14 10.28
N TRP A 260 11.50 9.01 9.35
CA TRP A 260 12.40 8.61 8.31
C TRP A 260 13.73 8.07 8.86
N LYS A 261 14.26 8.64 9.94
CA LYS A 261 15.60 8.22 10.42
C LYS A 261 15.55 6.95 11.28
N GLU A 262 14.51 6.82 12.08
CA GLU A 262 14.23 5.59 12.78
C GLU A 262 14.19 4.45 11.74
N MET A 263 13.47 4.67 10.66
CA MET A 263 13.53 3.75 9.53
C MET A 263 14.93 3.49 8.97
N MET A 264 15.74 4.51 8.69
CA MET A 264 17.07 4.25 8.13
C MET A 264 18.06 3.56 9.12
N ALA A 265 17.72 3.59 10.41
CA ALA A 265 18.46 2.87 11.43
C ALA A 265 18.23 1.37 11.27
N ILE A 266 16.95 1.03 11.19
CA ILE A 266 16.48 -0.34 10.93
C ILE A 266 17.08 -0.92 9.64
N LEU A 267 17.12 -0.13 8.56
CA LEU A 267 17.64 -0.61 7.29
C LEU A 267 19.14 -0.73 7.23
N GLN A 268 19.84 -0.03 8.12
CA GLN A 268 21.27 -0.19 8.21
C GLN A 268 21.57 -1.56 8.79
N ALA A 269 20.79 -1.94 9.81
CA ALA A 269 20.85 -3.27 10.43
C ALA A 269 20.72 -4.39 9.38
N PHE A 270 19.67 -4.36 8.57
CA PHE A 270 19.52 -5.30 7.46
C PHE A 270 20.44 -5.04 6.28
N ARG A 271 21.43 -4.16 6.43
CA ARG A 271 22.35 -3.86 5.35
C ARG A 271 21.67 -3.51 4.02
N VAL A 272 20.51 -2.86 4.08
CA VAL A 272 19.78 -2.42 2.90
C VAL A 272 20.13 -0.94 2.71
N PRO A 273 20.38 -0.52 1.47
CA PRO A 273 20.62 0.92 1.31
C PRO A 273 19.49 1.80 1.88
N SER A 274 19.87 3.01 2.29
CA SER A 274 18.92 4.01 2.76
C SER A 274 18.25 4.67 1.56
N VAL A 275 17.17 5.39 1.85
CA VAL A 275 16.38 6.09 0.84
C VAL A 275 16.64 7.60 0.97
N ASN A 276 17.11 8.21 -0.10
CA ASN A 276 17.05 9.65 -0.20
C ASN A 276 15.57 10.04 -0.38
N LEU A 277 14.92 10.33 0.75
CA LEU A 277 13.46 10.61 0.79
C LEU A 277 13.04 11.74 -0.16
N LEU A 278 13.84 12.79 -0.19
CA LEU A 278 13.56 13.95 -1.01
C LEU A 278 13.69 13.65 -2.49
N GLN A 279 14.75 12.91 -2.85
CA GLN A 279 14.98 12.54 -4.26
C GLN A 279 13.85 11.66 -4.71
N PHE A 280 13.54 10.66 -3.91
CA PHE A 280 12.38 9.81 -4.17
C PHE A 280 11.16 10.70 -4.51
N MET A 281 10.78 11.54 -3.55
CA MET A 281 9.65 12.43 -3.69
C MET A 281 9.60 13.21 -4.99
N VAL A 282 10.73 13.75 -5.37
CA VAL A 282 10.80 14.79 -6.39
C VAL A 282 11.03 14.22 -7.79
N LYS A 283 11.91 13.24 -7.87
CA LYS A 283 12.30 12.64 -9.14
C LYS A 283 11.40 11.46 -9.49
N GLU A 284 10.57 10.97 -8.56
CA GLU A 284 9.69 9.84 -8.84
C GLU A 284 8.20 10.04 -8.61
N ASN A 285 7.78 11.10 -7.93
CA ASN A 285 6.35 11.32 -7.74
C ASN A 285 5.92 12.48 -8.58
N TYR A 286 5.99 13.69 -8.04
CA TYR A 286 5.46 14.87 -8.68
C TYR A 286 6.67 15.82 -8.80
N PRO A 287 6.83 16.42 -9.99
CA PRO A 287 8.02 17.22 -10.16
C PRO A 287 7.78 18.69 -9.79
N VAL A 288 8.81 19.31 -9.31
CA VAL A 288 8.76 20.76 -9.04
C VAL A 288 9.70 21.54 -10.03
N ARG A 289 9.55 22.85 -10.09
CA ARG A 289 10.33 23.71 -11.00
C ARG A 289 11.74 23.67 -10.48
N PRO A 290 12.74 23.78 -11.38
CA PRO A 290 14.18 23.74 -10.97
C PRO A 290 14.59 24.86 -10.00
N GLU A 291 13.97 26.02 -10.17
CA GLU A 291 14.13 27.17 -9.26
C GLU A 291 13.68 26.94 -7.84
N THR A 292 12.74 26.01 -7.61
CA THR A 292 12.25 25.71 -6.25
C THR A 292 13.28 25.00 -5.41
N LEU A 293 13.87 23.93 -5.97
CA LEU A 293 14.98 23.21 -5.25
C LEU A 293 16.31 23.08 -6.03
N ASP A 294 17.40 23.27 -5.27
CA ASP A 294 18.77 23.07 -5.74
C ASP A 294 19.04 21.59 -6.01
N GLU A 295 19.47 21.29 -7.23
CA GLU A 295 19.85 19.92 -7.61
C GLU A 295 20.88 19.28 -6.68
N GLY A 296 21.82 20.07 -6.18
CA GLY A 296 22.82 19.58 -5.25
C GLY A 296 22.31 19.22 -3.88
N ASP A 297 21.22 19.87 -3.46
CA ASP A 297 20.56 19.58 -2.18
C ASP A 297 19.69 18.31 -2.27
N ILE A 298 18.99 18.16 -3.40
CA ILE A 298 18.24 16.94 -3.68
C ILE A 298 19.24 15.77 -3.65
N GLU A 299 20.28 15.86 -4.51
CA GLU A 299 21.36 14.86 -4.60
C GLU A 299 22.08 14.51 -3.30
N HIS A 300 22.51 15.49 -2.53
CA HIS A 300 23.23 15.19 -1.26
C HIS A 300 22.33 15.10 -0.01
N PHE A 301 21.00 15.20 -0.19
CA PHE A 301 20.04 15.21 0.95
C PHE A 301 20.41 14.47 2.25
N GLU A 302 20.98 13.28 2.13
CA GLU A 302 21.23 12.44 3.30
C GLU A 302 22.35 12.93 4.22
N ILE A 303 23.34 13.63 3.65
CA ILE A 303 24.48 14.17 4.43
C ILE A 303 24.26 15.58 4.98
N LEU A 304 23.21 16.24 4.54
CA LEU A 304 22.90 17.61 4.97
C LEU A 304 22.36 17.70 6.41
N PRO A 305 22.57 18.84 7.08
CA PRO A 305 22.09 19.00 8.45
C PRO A 305 20.58 18.75 8.62
N ASP A 306 20.21 18.32 9.82
CA ASP A 306 18.83 18.00 10.18
C ASP A 306 17.84 19.14 9.84
N ILE A 307 18.14 20.34 10.32
CA ILE A 307 17.29 21.52 10.09
C ILE A 307 17.13 21.75 8.58
N LEU A 308 18.22 21.63 7.83
CA LEU A 308 18.15 21.81 6.39
C LEU A 308 17.30 20.76 5.68
N GLN A 309 17.36 19.52 6.16
CA GLN A 309 16.53 18.45 5.63
C GLN A 309 15.07 18.80 5.85
N GLU A 310 14.74 19.32 7.03
CA GLU A 310 13.35 19.69 7.30
C GLU A 310 12.94 20.84 6.39
N TYR A 311 13.80 21.84 6.25
CA TYR A 311 13.51 22.98 5.38
C TYR A 311 13.09 22.49 3.97
N LEU A 312 13.97 21.67 3.41
CA LEU A 312 13.77 21.10 2.08
C LEU A 312 12.46 20.34 1.90
N LEU A 313 12.09 19.56 2.91
CA LEU A 313 10.84 18.85 2.93
C LEU A 313 9.65 19.78 2.97
N TYR A 314 9.70 20.73 3.93
CA TYR A 314 8.69 21.78 4.02
C TYR A 314 8.51 22.44 2.66
N VAL A 315 9.61 22.85 2.06
CA VAL A 315 9.51 23.53 0.78
C VAL A 315 8.86 22.67 -0.29
N ARG A 316 9.21 21.37 -0.29
CA ARG A 316 8.62 20.42 -1.25
CA ARG A 316 8.62 20.44 -1.25
C ARG A 316 7.11 20.46 -1.17
N TYR A 317 6.60 20.33 0.05
CA TYR A 317 5.17 20.36 0.21
C TYR A 317 4.58 21.67 -0.17
N THR A 318 5.27 22.75 0.07
CA THR A 318 4.67 24.03 -0.29
C THR A 318 4.60 24.18 -1.79
N ALA A 319 5.64 23.70 -2.48
CA ALA A 319 5.69 23.73 -3.96
C ALA A 319 4.54 22.97 -4.65
N ILE A 320 4.08 21.90 -4.02
CA ILE A 320 2.98 21.13 -4.59
C ILE A 320 1.60 21.55 -4.09
N LEU A 321 1.49 22.71 -3.44
CA LEU A 321 0.17 23.25 -3.15
C LEU A 321 -0.61 23.39 -4.45
N ILE A 322 0.06 23.90 -5.48
CA ILE A 322 -0.48 23.87 -6.83
C ILE A 322 0.30 22.84 -7.63
N ASP A 323 -0.15 22.62 -8.86
CA ASP A 323 0.60 21.79 -9.81
C ASP A 323 1.38 22.82 -10.61
N PRO A 324 2.69 22.97 -10.32
CA PRO A 324 3.40 24.06 -10.92
C PRO A 324 3.61 23.89 -12.45
N PHE A 325 3.24 22.72 -13.02
CA PHE A 325 3.39 22.50 -14.45
C PHE A 325 2.04 22.52 -15.16
N SER A 326 0.99 22.84 -14.42
CA SER A 326 -0.37 22.81 -14.98
C SER A 326 -0.56 24.09 -15.73
N GLN A 327 -1.68 24.22 -16.42
CA GLN A 327 -1.97 25.41 -17.23
C GLN A 327 -2.68 26.47 -16.45
N PRO A 328 -1.96 27.53 -16.00
CA PRO A 328 -2.64 28.56 -15.23
C PRO A 328 -3.69 29.24 -16.05
N ASP A 329 -4.76 29.66 -15.40
CA ASP A 329 -5.85 30.43 -15.99
C ASP A 329 -5.36 31.85 -16.19
N GLU A 330 -6.26 32.71 -16.68
CA GLU A 330 -5.92 34.09 -17.06
C GLU A 330 -5.63 35.05 -15.91
N ASN A 331 -5.94 34.63 -14.68
CA ASN A 331 -5.66 35.40 -13.46
C ASN A 331 -4.38 34.92 -12.75
N GLY A 332 -3.64 34.03 -13.39
CA GLY A 332 -2.40 33.53 -12.82
C GLY A 332 -2.60 32.38 -11.89
N HIS A 333 -3.82 31.82 -11.84
CA HIS A 333 -4.17 30.81 -10.85
C HIS A 333 -4.13 29.41 -11.44
N TYR A 334 -3.47 28.53 -10.70
CA TYR A 334 -3.19 27.16 -11.07
C TYR A 334 -4.17 26.21 -10.41
N PHE A 335 -4.11 24.93 -10.77
CA PHE A 335 -5.07 23.97 -10.23
C PHE A 335 -4.72 23.77 -8.76
N ASP A 336 -5.77 23.79 -7.92
CA ASP A 336 -5.67 23.57 -6.46
C ASP A 336 -5.51 22.08 -6.16
N PHE A 337 -4.29 21.62 -6.40
CA PHE A 337 -3.83 20.24 -6.31
C PHE A 337 -3.79 19.73 -4.84
N SER A 338 -3.85 20.68 -3.94
CA SER A 338 -3.72 20.55 -2.48
C SER A 338 -5.02 20.05 -1.81
N ALA A 339 -6.14 20.37 -2.45
CA ALA A 339 -7.49 20.26 -1.92
C ALA A 339 -8.05 18.83 -1.93
N VAL A 340 -7.32 17.95 -1.27
CA VAL A 340 -7.71 16.56 -1.06
C VAL A 340 -8.35 16.46 0.31
N PRO A 341 -9.69 16.22 0.38
CA PRO A 341 -10.35 16.06 1.70
C PRO A 341 -9.89 14.83 2.49
N PHE A 342 -10.02 14.91 3.82
CA PHE A 342 -9.89 13.71 4.65
C PHE A 342 -11.12 12.82 4.47
N LYS A 343 -10.91 11.50 4.37
CA LYS A 343 -12.02 10.58 4.48
C LYS A 343 -12.26 10.46 5.98
N GLN A 344 -13.51 10.57 6.35
CA GLN A 344 -13.94 10.43 7.77
C GLN A 344 -14.47 9.04 8.10
N VAL A 345 -14.51 8.71 9.38
CA VAL A 345 -15.16 7.48 9.85
C VAL A 345 -16.56 7.44 9.28
N TYR A 346 -17.03 6.24 8.96
CA TYR A 346 -18.26 6.06 8.23
C TYR A 346 -18.93 4.71 8.59
N LYS A 347 -20.24 4.67 8.45
CA LYS A 347 -21.05 3.49 8.75
C LYS A 347 -21.24 2.71 7.45
N ASN A 348 -20.81 1.44 7.43
CA ASN A 348 -21.17 0.56 6.31
C ASN A 348 -22.71 0.33 6.23
N GLU A 349 -23.16 -0.32 5.17
CA GLU A 349 -24.61 -0.59 4.97
C GLU A 349 -25.27 -1.50 6.03
N GLN A 350 -24.49 -2.23 6.81
CA GLN A 350 -25.01 -2.87 8.04
C GLN A 350 -24.79 -2.00 9.32
N ASP A 351 -24.82 -0.66 9.17
CA ASP A 351 -24.62 0.30 10.28
C ASP A 351 -23.38 0.15 11.19
N VAL A 352 -22.33 -0.54 10.74
CA VAL A 352 -21.10 -0.69 11.55
C VAL A 352 -20.08 0.38 11.15
N VAL A 353 -19.50 1.00 12.17
CA VAL A 353 -18.55 2.07 11.97
C VAL A 353 -17.22 1.52 11.50
N GLN A 354 -16.77 2.09 10.37
CA GLN A 354 -15.52 1.75 9.74
C GLN A 354 -14.59 2.95 9.87
N ILE A 355 -13.31 2.64 10.05
CA ILE A 355 -12.22 3.59 9.92
C ILE A 355 -11.61 3.50 8.50
N PRO A 356 -11.44 4.64 7.81
CA PRO A 356 -10.94 4.55 6.46
C PRO A 356 -9.48 4.11 6.39
N ARG A 357 -9.06 3.83 5.16
CA ARG A 357 -7.74 3.26 4.89
C ARG A 357 -6.64 4.15 5.44
N MET A 358 -6.81 5.44 5.29
CA MET A 358 -5.96 6.38 5.99
C MET A 358 -6.75 6.78 7.25
N PRO A 359 -6.30 6.43 8.46
CA PRO A 359 -5.00 5.85 8.75
C PRO A 359 -4.97 4.34 9.13
N SER A 360 -6.08 3.60 8.89
CA SER A 360 -6.16 2.16 9.29
C SER A 360 -4.93 1.39 8.90
N GLU A 361 -4.57 1.49 7.63
CA GLU A 361 -3.49 0.69 7.13
C GLU A 361 -2.15 1.20 7.64
N ASP A 362 -2.07 2.48 8.00
CA ASP A 362 -0.84 3.05 8.54
C ASP A 362 -0.61 2.64 9.99
N TYR A 363 -1.71 2.41 10.70
CA TYR A 363 -1.63 1.77 12.00
C TYR A 363 -0.91 0.43 11.84
N TYR A 364 -1.36 -0.37 10.87
CA TYR A 364 -0.74 -1.66 10.60
C TYR A 364 0.70 -1.54 10.27
N ARG A 365 1.03 -0.64 9.36
CA ARG A 365 2.41 -0.52 8.87
C ARG A 365 3.33 -0.15 10.00
N THR A 366 2.82 0.74 10.84
CA THR A 366 3.56 1.37 11.88
C THR A 366 3.71 0.39 13.01
N ALA A 367 2.61 -0.27 13.36
CA ALA A 367 2.68 -1.38 14.33
C ALA A 367 3.73 -2.43 13.95
N MET A 368 3.84 -2.76 12.66
CA MET A 368 4.84 -3.73 12.25
C MET A 368 6.25 -3.19 12.45
N ILE A 369 6.50 -1.96 12.02
CA ILE A 369 7.84 -1.38 12.15
C ILE A 369 8.22 -1.21 13.62
N GLN A 370 7.25 -0.84 14.46
CA GLN A 370 7.44 -0.84 15.93
C GLN A 370 7.87 -2.22 16.44
N HIS A 371 7.20 -3.28 15.98
CA HIS A 371 7.55 -4.64 16.40
C HIS A 371 8.90 -5.11 15.83
N ILE A 372 9.19 -4.87 14.56
CA ILE A 372 10.54 -5.13 14.07
C ILE A 372 11.54 -4.43 15.02
N GLY A 373 11.22 -3.18 15.39
CA GLY A 373 12.12 -2.31 16.12
C GLY A 373 12.55 -2.89 17.44
N LYS A 374 11.56 -3.26 18.26
CA LYS A 374 11.81 -3.92 19.53
C LYS A 374 12.78 -5.10 19.34
N MET A 375 12.36 -6.07 18.52
CA MET A 375 13.12 -7.32 18.29
C MET A 375 14.55 -7.04 17.86
N LEU A 376 14.76 -6.01 17.07
CA LEU A 376 16.11 -5.71 16.61
C LEU A 376 16.97 -4.85 17.56
N GLY A 377 16.42 -4.41 18.69
CA GLY A 377 17.13 -3.46 19.57
C GLY A 377 17.34 -2.04 19.01
N ILE A 378 16.27 -1.47 18.47
CA ILE A 378 16.28 -0.13 17.86
C ILE A 378 15.09 0.69 18.40
N LYS A 379 15.30 2.01 18.49
CA LYS A 379 14.57 2.90 19.43
C LYS A 379 13.07 3.24 19.14
N THR A 380 12.81 3.76 17.93
CA THR A 380 11.46 4.24 17.45
C THR A 380 10.49 5.11 18.30
N PRO A 381 10.99 6.15 19.03
CA PRO A 381 10.04 6.94 19.89
C PRO A 381 8.95 7.71 19.10
N MET A 382 9.30 8.15 17.88
CA MET A 382 8.31 8.80 17.01
C MET A 382 7.22 7.83 16.51
N ILE A 383 7.64 6.61 16.14
CA ILE A 383 6.67 5.54 15.83
C ILE A 383 5.72 5.32 17.00
N ASP A 384 6.31 5.16 18.19
CA ASP A 384 5.54 4.81 19.40
C ASP A 384 4.50 5.88 19.61
N GLN A 385 4.93 7.11 19.33
CA GLN A 385 4.08 8.27 19.48
C GLN A 385 2.90 8.25 18.46
N PHE A 386 3.18 7.94 17.20
CA PHE A 386 2.12 7.78 16.18
C PHE A 386 1.05 6.78 16.61
N LEU A 387 1.51 5.67 17.16
CA LEU A 387 0.60 4.61 17.56
C LEU A 387 -0.21 4.99 18.77
N THR A 388 0.47 5.57 19.77
CA THR A 388 -0.22 6.06 21.00
C THR A 388 -1.39 6.97 20.61
N ARG A 389 -1.12 7.86 19.65
CA ARG A 389 -2.09 8.87 19.23
C ARG A 389 -3.30 8.24 18.62
N TYR A 390 -3.03 7.29 17.73
CA TYR A 390 -4.08 6.53 17.04
C TYR A 390 -4.90 5.64 18.02
N GLU A 391 -4.19 4.93 18.90
CA GLU A 391 -4.89 4.14 19.95
C GLU A 391 -5.82 5.02 20.81
N ALA A 392 -5.36 6.22 21.15
CA ALA A 392 -6.14 7.19 21.95
C ALA A 392 -7.42 7.69 21.27
N SER A 393 -7.34 7.93 19.95
CA SER A 393 -8.49 8.39 19.17
C SER A 393 -9.54 7.31 19.00
N CYS A 394 -9.08 6.06 18.87
CA CYS A 394 -9.98 4.92 18.80
C CYS A 394 -10.75 4.80 20.10
N GLN A 395 -10.00 4.66 21.19
CA GLN A 395 -10.60 4.65 22.54
C GLN A 395 -11.58 5.81 22.74
N ALA A 396 -11.13 7.02 22.39
CA ALA A 396 -11.98 8.23 22.52
C ALA A 396 -13.26 8.03 21.72
N TYR A 397 -13.12 7.54 20.49
CA TYR A 397 -14.29 7.23 19.67
C TYR A 397 -15.25 6.23 20.39
N LYS A 398 -14.66 5.25 21.08
CA LYS A 398 -15.44 4.22 21.81
C LYS A 398 -16.25 4.83 22.98
N ASP A 399 -15.52 5.56 23.84
CA ASP A 399 -16.09 6.36 24.93
C ASP A 399 -17.16 7.31 24.36
N MET A 400 -16.90 7.96 23.24
CA MET A 400 -17.87 8.94 22.71
C MET A 400 -19.05 8.36 21.92
N HIS A 401 -18.99 7.08 21.56
CA HIS A 401 -20.04 6.52 20.68
C HIS A 401 -20.51 5.16 21.14
N GLN A 402 -20.75 5.03 22.44
CA GLN A 402 -21.22 3.78 23.06
C GLN A 402 -22.52 3.27 22.42
N ASP A 403 -23.38 4.14 21.90
CA ASP A 403 -24.59 3.69 21.19
C ASP A 403 -24.42 3.21 19.73
N GLN A 404 -23.19 3.04 19.23
CA GLN A 404 -22.99 2.72 17.81
C GLN A 404 -22.22 1.39 17.67
N GLN A 405 -22.58 0.62 16.65
CA GLN A 405 -21.85 -0.60 16.35
C GLN A 405 -20.48 -0.26 15.76
N LEU A 406 -19.39 -0.82 16.26
CA LEU A 406 -18.03 -0.49 15.80
C LEU A 406 -17.25 -1.69 15.25
N SER A 407 -16.33 -1.46 14.31
CA SER A 407 -15.57 -2.55 13.69
C SER A 407 -14.41 -2.97 14.57
N SER A 408 -13.82 -4.10 14.21
CA SER A 408 -12.68 -4.62 14.92
C SER A 408 -11.44 -3.75 14.79
N GLN A 409 -11.47 -2.84 13.81
CA GLN A 409 -10.40 -1.85 13.61
C GLN A 409 -10.21 -0.95 14.84
N PHE A 410 -11.27 -0.74 15.61
CA PHE A 410 -11.13 0.07 16.81
C PHE A 410 -10.39 -0.60 17.98
N ASN A 411 -10.28 -1.93 17.95
CA ASN A 411 -9.81 -2.74 19.09
C ASN A 411 -8.32 -2.69 19.22
N THR A 412 -7.85 -2.93 20.43
CA THR A 412 -6.46 -3.24 20.67
C THR A 412 -6.39 -4.77 20.78
N ASN A 413 -5.17 -5.32 20.83
CA ASN A 413 -4.09 -4.84 20.01
C ASN A 413 -4.02 -5.98 19.00
N LEU A 414 -4.13 -5.60 17.75
CA LEU A 414 -4.37 -6.54 16.69
C LEU A 414 -3.02 -7.12 16.27
N PHE A 415 -3.03 -7.94 15.24
CA PHE A 415 -1.80 -8.35 14.58
C PHE A 415 -0.88 -9.24 15.42
N GLU A 416 -1.44 -9.95 16.41
CA GLU A 416 -0.64 -10.83 17.27
C GLU A 416 0.05 -11.91 16.46
N GLY A 417 -0.74 -12.57 15.60
CA GLY A 417 -0.23 -13.59 14.69
C GLY A 417 0.92 -13.08 13.82
N ASP A 418 0.71 -11.89 13.25
CA ASP A 418 1.71 -11.28 12.42
C ASP A 418 2.97 -10.98 13.23
N LYS A 419 2.78 -10.42 14.41
CA LYS A 419 3.92 -10.11 15.29
C LYS A 419 4.71 -11.40 15.63
N ALA A 420 3.99 -12.41 16.10
CA ALA A 420 4.61 -13.70 16.40
C ALA A 420 5.42 -14.20 15.22
N LEU A 421 4.84 -14.08 14.01
CA LEU A 421 5.52 -14.56 12.80
C LEU A 421 6.80 -13.84 12.48
N VAL A 422 6.82 -12.53 12.76
CA VAL A 422 8.05 -11.72 12.61
C VAL A 422 9.05 -12.05 13.70
N THR A 423 8.58 -12.18 14.93
CA THR A 423 9.38 -12.65 16.06
C THR A 423 10.12 -13.92 15.63
N LYS A 424 9.34 -14.91 15.19
CA LYS A 424 9.91 -16.20 14.84
C LYS A 424 10.92 -16.03 13.71
N PHE A 425 10.49 -15.42 12.61
CA PHE A 425 11.36 -15.20 11.46
C PHE A 425 12.71 -14.61 11.87
N LEU A 426 12.68 -13.64 12.79
CA LEU A 426 13.88 -12.86 13.15
C LEU A 426 14.89 -13.62 14.01
N GLU A 427 14.39 -14.41 14.95
CA GLU A 427 15.20 -15.40 15.68
C GLU A 427 16.08 -16.24 14.76
N ILE A 428 15.50 -16.72 13.66
CA ILE A 428 16.17 -17.62 12.72
C ILE A 428 17.19 -16.88 11.85
N ASN A 429 16.76 -15.80 11.21
CA ASN A 429 17.47 -15.14 10.08
C ASN A 429 17.34 -15.99 8.80
PA NAP B . -9.93 -2.92 -2.70
PA NAP B . -9.81 -2.77 -2.77
O1A NAP B . -10.99 -2.99 -3.78
O1A NAP B . -10.94 -2.82 -3.77
O2A NAP B . -10.35 -2.39 -1.34
O2A NAP B . -10.10 -2.26 -1.38
O5B NAP B . -9.24 -4.36 -2.71
O5B NAP B . -9.09 -4.21 -2.84
C5B NAP B . -8.81 -5.12 -1.59
C5B NAP B . -8.74 -5.02 -1.73
C4B NAP B . -9.29 -6.53 -1.87
C4B NAP B . -9.28 -6.42 -2.00
O4B NAP B . -8.98 -7.35 -0.76
O4B NAP B . -8.92 -7.26 -0.90
C3B NAP B . -10.80 -6.50 -1.93
C3B NAP B . -10.78 -6.39 -2.03
O3B NAP B . -11.26 -7.58 -2.75
O3B NAP B . -11.29 -7.42 -2.87
C2B NAP B . -11.20 -6.62 -0.46
C2B NAP B . -11.16 -6.59 -0.56
O2B NAP B . -12.54 -7.06 -0.28
O2B NAP B . -12.50 -7.02 -0.35
C1B NAP B . -10.15 -7.60 0.04
C1B NAP B . -10.11 -7.63 -0.18
N9A NAP B . -9.80 -7.50 1.49
N9A NAP B . -9.89 -7.77 1.29
C8A NAP B . -9.44 -8.56 2.25
C8A NAP B . -9.43 -6.83 2.15
N7A NAP B . -9.17 -8.17 3.53
N7A NAP B . -9.35 -7.36 3.41
C5A NAP B . -9.35 -6.83 3.57
C5A NAP B . -9.76 -8.63 3.36
C6A NAP B . -9.23 -5.78 4.60
C6A NAP B . -9.93 -9.74 4.32
N6A NAP B . -8.84 -6.10 5.86
N6A NAP B . -9.63 -9.54 5.62
N1A NAP B . -9.52 -4.51 4.23
N1A NAP B . -10.39 -10.92 3.87
C2A NAP B . -9.90 -4.18 2.97
C2A NAP B . -10.70 -11.12 2.58
N3A NAP B . -10.03 -5.07 1.98
N3A NAP B . -10.58 -10.15 1.65
C4A NAP B . -9.77 -6.38 2.22
C4A NAP B . -10.12 -8.91 1.96
O3 NAP B . -8.60 -2.08 -3.08
O3 NAP B . -8.55 -1.87 -3.24
PN NAP B . -7.75 -2.16 -4.46
PN NAP B . -7.70 -2.04 -4.62
O1N NAP B . -7.89 -0.79 -5.10
O1N NAP B . -7.85 -0.69 -5.31
O2N NAP B . -8.11 -3.39 -5.26
O2N NAP B . -8.08 -3.31 -5.33
O5D NAP B . -6.21 -2.28 -3.94
O5D NAP B . -6.16 -2.13 -4.10
C5D NAP B . -5.71 -3.43 -3.24
C5D NAP B . -5.65 -3.30 -3.45
C4D NAP B . -4.47 -3.06 -2.43
C4D NAP B . -4.37 -2.99 -2.66
O4D NAP B . -3.49 -2.37 -3.23
O4D NAP B . -3.40 -2.28 -3.45
C3D NAP B . -4.83 -2.09 -1.32
C3D NAP B . -4.69 -2.06 -1.50
O3D NAP B . -3.96 -2.24 -0.20
O3D NAP B . -3.75 -2.26 -0.44
C2D NAP B . -4.57 -0.73 -1.92
C2D NAP B . -4.48 -0.70 -2.10
O2D NAP B . -4.32 0.24 -0.90
O2D NAP B . -4.24 0.29 -1.08
C1D NAP B . -3.34 -1.01 -2.78
C1D NAP B . -3.27 -0.92 -2.99
N1N NAP B . -3.24 0.00 -3.84
N1N NAP B . -3.19 0.09 -4.05
C2N NAP B . -4.31 0.30 -4.58
C2N NAP B . -4.23 0.29 -4.88
C3N NAP B . -4.23 1.25 -5.58
C3N NAP B . -4.14 1.26 -5.89
C7N NAP B . -5.42 1.60 -6.41
C7N NAP B . -5.28 1.50 -6.85
O7N NAP B . -6.56 1.46 -5.97
O7N NAP B . -6.25 0.79 -6.95
N7N NAP B . -5.20 2.08 -7.62
N7N NAP B . -5.17 2.57 -7.61
C4N NAP B . -3.03 1.93 -5.79
C4N NAP B . -2.99 2.03 -6.00
C5N NAP B . -1.93 1.62 -5.02
C5N NAP B . -1.93 1.80 -5.12
C6N NAP B . -2.06 0.63 -4.04
C6N NAP B . -2.06 0.82 -4.15
P2B NAP B . -13.78 -6.08 -0.64
P2B NAP B . -13.73 -6.04 -0.73
O1X NAP B . -14.99 -6.92 -0.29
O1X NAP B . -14.95 -6.88 -0.38
O2X NAP B . -13.58 -4.86 0.25
O2X NAP B . -13.54 -4.83 0.18
O3X NAP B . -13.68 -5.78 -2.14
O3X NAP B . -13.59 -5.77 -2.22
O 8UX C . -5.83 3.55 -3.43
C 8UX C . -5.06 3.70 -2.52
OXT 8UX C . -4.30 2.66 -2.30
CA 8UX C . -4.94 4.94 -1.65
CB 8UX C . -5.85 6.10 -2.10
N 8UX C . -3.49 5.32 -1.55
CAV 8UX C . -2.66 5.84 -2.71
CAR 8UX C . -1.69 4.82 -3.29
OAF 8UX C . -1.23 4.96 -4.56
OAC 8UX C . -1.29 3.86 -2.65
CAK 8UX C . -1.84 7.06 -2.27
CAJ 8UX C . -2.55 8.34 -2.69
NAN 8UX C . -1.80 9.45 -2.09
CAW 8UX C . -1.67 10.62 -3.03
CAS 8UX C . -3.04 11.25 -3.01
OAG 8UX C . -3.72 11.28 -4.02
OAD 8UX C . -3.52 11.75 -1.88
CAL 8UX C . -0.43 11.49 -2.62
CAT 8UX C . -0.40 12.99 -3.02
CAI 8UX C . 0.52 13.96 -2.57
NAM 8UX C . 0.21 15.17 -3.14
CAH 8UX C . -0.86 14.97 -3.94
NAP 8UX C . -1.23 13.66 -3.88
C1 GOL D . -12.69 16.94 5.22
O1 GOL D . -11.35 17.00 4.71
C2 GOL D . -12.53 17.15 6.72
O2 GOL D . -13.04 18.45 7.03
C3 GOL D . -13.18 16.03 7.54
O3 GOL D . -13.30 16.33 8.95
O1 PG4 E . 4.61 -5.64 -13.47
C1 PG4 E . 3.90 -6.87 -13.68
C2 PG4 E . 3.10 -7.35 -12.44
O2 PG4 E . 2.33 -8.55 -12.71
C3 PG4 E . 2.23 -9.45 -11.59
C4 PG4 E . 1.39 -10.70 -11.90
O3 PG4 E . 2.20 -11.89 -11.75
C5 PG4 E . 1.98 -12.95 -12.73
C6 PG4 E . 3.08 -14.02 -12.80
O4 PG4 E . 3.88 -13.96 -14.00
C7 PG4 E . 3.33 -14.62 -15.17
C8 PG4 E . 4.27 -14.69 -16.39
O5 PG4 E . 4.31 -16.02 -16.94
#